data_9BIK
#
_entry.id   9BIK
#
_cell.length_a   68.657
_cell.length_b   56.589
_cell.length_c   84.979
_cell.angle_alpha   90.000
_cell.angle_beta   98.610
_cell.angle_gamma   90.000
#
_symmetry.space_group_name_H-M   'P 1 21 1'
#
loop_
_entity.id
_entity.type
_entity.pdbx_description
1 polymer 'Mitogen-activated protein kinase kinase kinase kinase 1'
2 non-polymer 1,2-ETHANEDIOL
3 non-polymer (1S,2S)-N-[(6P)-8-amino-6-(4-methylpyridin-3-yl)isoquinolin-3-yl]-2-cyanocyclopropane-1-carboxamide
4 water water
#
_entity_poly.entity_id   1
_entity_poly.type   'polypeptide(L)'
_entity_poly.pdbx_seq_one_letter_code
;MHHHHHHGENLYFQGSDVVDPDIFNRDPRDHYDLLQRLGGGTYGEVFKARDKVSGDLVALKMVKMEPDDDVSTLQKEILI
LKTCRHANIVAYHGSYLWLQKLWICMEFCGAGSLQDIYQVTGSLSELQISYVCREVLQGLAYLHSQKKIHRDIKGANILI
NDAGEVRLADFGISAQIGAELARRLEFIGTPYWMAPEVAAVALKGGYNELCDIWSLGITAIELAELQPPLFDVHPLRVLF
LMTKSGYQPPRLKEKGKWSAAFHNFIKVTLTKSPKKRPSATKMLSHQLVSQPGLNRGLILDLLDKLKNGNS
;
_entity_poly.pdbx_strand_id   A,B
#
loop_
_chem_comp.id
_chem_comp.type
_chem_comp.name
_chem_comp.formula
A1APO non-polymer (1S,2S)-N-[(6P)-8-amino-6-(4-methylpyridin-3-yl)isoquinolin-3-yl]-2-cyanocyclopropane-1-carboxamide 'C20 H17 N5 O'
EDO non-polymer 1,2-ETHANEDIOL 'C2 H6 O2'
#
# COMPACT_ATOMS: atom_id res chain seq x y z
N PRO A 21 24.53 -9.77 -16.64
CA PRO A 21 23.78 -9.14 -15.55
C PRO A 21 24.65 -8.20 -14.71
N ASP A 22 25.86 -8.66 -14.37
CA ASP A 22 26.87 -7.84 -13.70
C ASP A 22 26.27 -6.84 -12.71
N ILE A 23 26.04 -7.27 -11.49
CA ILE A 23 26.04 -6.39 -10.34
C ILE A 23 27.43 -6.46 -9.75
N PHE A 24 28.10 -5.30 -9.68
CA PHE A 24 29.42 -5.26 -9.05
C PHE A 24 29.28 -5.27 -7.54
N ASN A 25 29.99 -6.17 -6.88
CA ASN A 25 30.21 -6.06 -5.44
C ASN A 25 31.44 -5.19 -5.19
N ARG A 26 31.33 -3.94 -5.65
CA ARG A 26 32.43 -2.99 -5.64
C ARG A 26 31.93 -1.62 -5.19
N ASP A 27 32.84 -0.85 -4.64
CA ASP A 27 32.55 0.54 -4.35
C ASP A 27 32.54 1.32 -5.66
N PRO A 28 31.42 1.94 -6.06
CA PRO A 28 31.41 2.70 -7.32
C PRO A 28 32.38 3.87 -7.32
N ARG A 29 32.79 4.35 -6.16
CA ARG A 29 33.83 5.37 -6.10
C ARG A 29 35.18 4.85 -6.60
N ASP A 30 35.31 3.54 -6.78
CA ASP A 30 36.51 2.99 -7.40
C ASP A 30 36.59 3.35 -8.89
N HIS A 31 35.43 3.51 -9.54
CA HIS A 31 35.38 3.71 -10.97
C HIS A 31 34.99 5.11 -11.39
N TYR A 32 34.25 5.84 -10.56
CA TYR A 32 33.74 7.15 -10.94
C TYR A 32 34.12 8.18 -9.88
N ASP A 33 34.19 9.44 -10.33
CA ASP A 33 34.35 10.59 -9.44
C ASP A 33 32.99 11.25 -9.32
N LEU A 34 32.41 11.20 -8.11
CA LEU A 34 31.19 11.96 -7.84
C LEU A 34 31.46 13.45 -7.98
N LEU A 35 30.49 14.17 -8.52
CA LEU A 35 30.66 15.60 -8.80
C LEU A 35 29.63 16.47 -8.11
N GLN A 36 28.34 16.19 -8.26
CA GLN A 36 27.34 17.00 -7.59
C GLN A 36 25.99 16.28 -7.62
N ARG A 37 25.21 16.48 -6.56
CA ARG A 37 23.85 15.97 -6.54
C ARG A 37 23.03 16.63 -7.65
N LEU A 38 22.12 15.86 -8.23
CA LEU A 38 21.25 16.34 -9.30
C LEU A 38 19.82 16.46 -8.79
N GLY A 39 19.07 17.38 -9.39
CA GLY A 39 17.74 17.63 -8.90
C GLY A 39 17.79 18.27 -7.53
N GLY A 40 16.75 18.00 -6.75
CA GLY A 40 16.68 18.55 -5.41
C GLY A 40 15.82 17.69 -4.52
N GLY A 41 16.25 16.45 -4.30
CA GLY A 41 15.42 15.48 -3.61
C GLY A 41 14.26 14.97 -4.45
N THR A 42 13.84 15.75 -5.45
CA THR A 42 12.83 15.27 -6.38
C THR A 42 13.27 13.96 -7.03
N TYR A 43 14.58 13.78 -7.23
CA TYR A 43 15.14 12.54 -7.76
C TYR A 43 15.68 11.63 -6.67
N GLY A 44 15.99 12.16 -5.49
CA GLY A 44 16.62 11.38 -4.44
C GLY A 44 18.11 11.58 -4.41
N GLU A 45 18.87 10.50 -4.21
CA GLU A 45 20.33 10.55 -4.15
C GLU A 45 20.87 10.23 -5.55
N VAL A 46 20.94 11.25 -6.39
CA VAL A 46 21.40 11.12 -7.77
C VAL A 46 22.55 12.09 -7.97
N PHE A 47 23.62 11.63 -8.62
CA PHE A 47 24.85 12.39 -8.76
C PHE A 47 25.35 12.35 -10.20
N LYS A 48 25.81 13.49 -10.68
CA LYS A 48 26.66 13.52 -11.87
C LYS A 48 28.03 12.97 -11.49
N ALA A 49 28.59 12.16 -12.39
CA ALA A 49 29.87 11.52 -12.10
C ALA A 49 30.64 11.32 -13.40
N ARG A 50 31.96 11.21 -13.26
CA ARG A 50 32.86 11.03 -14.38
C ARG A 50 33.57 9.69 -14.27
N ASP A 51 33.59 8.95 -15.37
CA ASP A 51 34.36 7.71 -15.45
C ASP A 51 35.85 8.01 -15.30
N LYS A 52 36.48 7.36 -14.32
CA LYS A 52 37.86 7.69 -14.00
C LYS A 52 38.82 7.35 -15.14
N VAL A 53 38.47 6.35 -15.95
CA VAL A 53 39.35 5.91 -17.04
C VAL A 53 39.18 6.83 -18.23
N SER A 54 37.99 6.83 -18.83
CA SER A 54 37.65 7.79 -19.87
C SER A 54 37.34 9.13 -19.21
N GLY A 55 36.71 10.03 -19.95
CA GLY A 55 36.11 11.21 -19.36
C GLY A 55 34.60 11.13 -19.31
N ASP A 56 34.01 9.99 -19.69
CA ASP A 56 32.57 9.91 -19.88
C ASP A 56 31.81 10.32 -18.63
N LEU A 57 30.77 11.13 -18.84
CA LEU A 57 29.88 11.51 -17.75
C LEU A 57 28.74 10.52 -17.67
N VAL A 58 28.35 10.18 -16.44
CA VAL A 58 27.20 9.34 -16.16
C VAL A 58 26.42 9.96 -15.01
N ALA A 59 25.24 9.40 -14.76
CA ALA A 59 24.44 9.72 -13.58
C ALA A 59 24.36 8.49 -12.70
N LEU A 60 24.72 8.64 -11.43
CA LEU A 60 24.70 7.56 -10.46
C LEU A 60 23.58 7.80 -9.45
N LYS A 61 22.66 6.85 -9.35
CA LYS A 61 21.54 6.91 -8.43
C LYS A 61 21.75 5.89 -7.34
N MET A 62 21.62 6.32 -6.09
CA MET A 62 21.79 5.45 -4.94
C MET A 62 20.43 5.10 -4.34
N VAL A 63 20.22 3.82 -4.07
CA VAL A 63 19.01 3.32 -3.43
C VAL A 63 19.42 2.40 -2.29
N LYS A 64 18.92 2.68 -1.09
CA LYS A 64 19.28 1.89 0.07
C LYS A 64 18.67 0.50 -0.03
N MET A 65 19.31 -0.46 0.63
CA MET A 65 18.84 -1.82 0.71
C MET A 65 18.53 -2.18 2.16
N GLU A 66 17.69 -3.19 2.33
CA GLU A 66 17.67 -3.98 3.55
C GLU A 66 18.52 -5.21 3.35
N PRO A 67 18.75 -6.00 4.40
CA PRO A 67 19.30 -7.34 4.16
C PRO A 67 18.25 -8.30 3.60
N ASP A 68 17.73 -7.95 2.42
CA ASP A 68 16.69 -8.74 1.77
C ASP A 68 17.07 -9.03 0.32
N VAL A 71 18.04 -9.74 -3.13
CA VAL A 71 19.03 -9.69 -4.21
C VAL A 71 18.63 -10.67 -5.30
N SER A 72 17.92 -11.73 -4.90
CA SER A 72 17.39 -12.68 -5.88
C SER A 72 16.56 -11.97 -6.93
N THR A 73 15.47 -11.32 -6.50
CA THR A 73 14.67 -10.55 -7.43
C THR A 73 15.47 -9.40 -8.02
N LEU A 74 16.44 -8.88 -7.26
CA LEU A 74 17.27 -7.78 -7.75
C LEU A 74 17.92 -8.12 -9.08
N GLN A 75 18.56 -9.29 -9.17
CA GLN A 75 19.22 -9.67 -10.41
C GLN A 75 18.22 -9.82 -11.56
N LYS A 76 16.98 -10.24 -11.26
CA LYS A 76 15.98 -10.37 -12.31
C LYS A 76 15.64 -9.01 -12.91
N GLU A 77 15.47 -7.99 -12.07
CA GLU A 77 15.13 -6.66 -12.57
C GLU A 77 16.32 -6.03 -13.30
N ILE A 78 17.55 -6.34 -12.87
CA ILE A 78 18.72 -5.81 -13.56
C ILE A 78 18.78 -6.37 -14.98
N LEU A 79 18.62 -7.68 -15.12
CA LEU A 79 18.66 -8.31 -16.43
C LEU A 79 17.70 -7.64 -17.39
N ILE A 80 16.50 -7.30 -16.92
CA ILE A 80 15.53 -6.63 -17.78
C ILE A 80 16.02 -5.25 -18.18
N LEU A 81 16.68 -4.56 -17.24
CA LEU A 81 17.09 -3.18 -17.51
C LEU A 81 18.16 -3.11 -18.59
N LYS A 82 19.05 -4.10 -18.65
CA LYS A 82 20.08 -4.09 -19.69
C LYS A 82 19.67 -4.88 -20.93
N THR A 83 18.66 -5.74 -20.83
CA THR A 83 18.03 -6.31 -22.03
C THR A 83 17.26 -5.26 -22.81
N CYS A 84 16.99 -4.10 -22.21
CA CYS A 84 16.27 -3.04 -22.86
C CYS A 84 17.15 -2.27 -23.84
N ARG A 85 16.62 -2.03 -25.04
CA ARG A 85 17.20 -1.05 -25.96
C ARG A 85 16.11 -0.21 -26.58
N HIS A 86 15.06 0.08 -25.79
CA HIS A 86 14.00 0.98 -26.24
C HIS A 86 14.51 2.41 -26.26
N ALA A 87 14.20 3.12 -27.35
CA ALA A 87 14.74 4.45 -27.57
C ALA A 87 14.17 5.52 -26.65
N ASN A 88 13.16 5.20 -25.84
CA ASN A 88 12.53 6.17 -24.95
C ASN A 88 12.76 5.82 -23.48
N ILE A 89 13.76 5.00 -23.20
CA ILE A 89 14.16 4.65 -21.84
C ILE A 89 15.61 5.08 -21.68
N VAL A 90 15.92 5.71 -20.54
N VAL A 90 15.92 5.71 -20.54
CA VAL A 90 17.29 6.18 -20.32
CA VAL A 90 17.28 6.16 -20.28
C VAL A 90 18.24 4.98 -20.33
C VAL A 90 18.24 4.96 -20.34
N ALA A 91 19.42 5.20 -20.90
CA ALA A 91 20.39 4.12 -21.04
C ALA A 91 20.89 3.64 -19.68
N TYR A 92 21.05 2.33 -19.57
CA TYR A 92 21.55 1.68 -18.36
C TYR A 92 22.95 1.14 -18.65
N HIS A 93 23.91 1.49 -17.78
CA HIS A 93 25.28 1.09 -17.96
C HIS A 93 25.72 -0.01 -17.00
N GLY A 94 25.16 -0.05 -15.80
CA GLY A 94 25.58 -1.04 -14.81
C GLY A 94 25.00 -0.69 -13.46
N SER A 95 25.33 -1.53 -12.49
CA SER A 95 24.82 -1.36 -11.13
C SER A 95 25.85 -1.90 -10.15
N TYR A 96 25.99 -1.20 -9.03
CA TYR A 96 26.94 -1.55 -7.99
C TYR A 96 26.20 -1.82 -6.69
N LEU A 97 26.66 -2.84 -5.95
CA LEU A 97 26.16 -3.15 -4.61
C LEU A 97 27.32 -3.01 -3.63
N TRP A 98 27.17 -2.10 -2.68
CA TRP A 98 28.25 -1.81 -1.73
C TRP A 98 27.64 -1.33 -0.42
N LEU A 99 27.95 -2.05 0.66
CA LEU A 99 27.50 -1.67 2.01
C LEU A 99 26.00 -1.41 2.03
N GLN A 100 25.24 -2.41 1.58
CA GLN A 100 23.78 -2.40 1.61
C GLN A 100 23.18 -1.25 0.82
N LYS A 101 23.92 -0.71 -0.14
CA LYS A 101 23.46 0.39 -0.98
C LYS A 101 23.64 0.03 -2.44
N LEU A 102 22.58 0.23 -3.23
CA LEU A 102 22.58 -0.09 -4.65
C LEU A 102 22.75 1.18 -5.46
N TRP A 103 23.76 1.21 -6.32
CA TRP A 103 24.00 2.33 -7.21
C TRP A 103 23.67 1.91 -8.63
N ILE A 104 22.81 2.71 -9.29
CA ILE A 104 22.43 2.48 -10.67
C ILE A 104 23.13 3.53 -11.52
N CYS A 105 23.95 3.07 -12.46
CA CYS A 105 24.69 3.95 -13.35
C CYS A 105 23.92 4.12 -14.65
N MET A 106 23.65 5.37 -15.02
CA MET A 106 22.78 5.68 -16.13
C MET A 106 23.38 6.79 -16.98
N GLU A 107 22.81 6.94 -18.18
CA GLU A 107 23.11 8.08 -19.04
C GLU A 107 22.91 9.39 -18.30
N PHE A 108 23.79 10.35 -18.58
CA PHE A 108 23.70 11.69 -18.01
C PHE A 108 23.25 12.68 -19.08
N CYS A 109 22.18 13.41 -18.79
CA CYS A 109 21.61 14.39 -19.70
C CYS A 109 21.98 15.79 -19.24
N GLY A 110 22.86 16.45 -20.00
CA GLY A 110 23.31 17.77 -19.59
C GLY A 110 22.17 18.75 -19.41
N ALA A 111 21.16 18.67 -20.27
CA ALA A 111 20.01 19.58 -20.18
C ALA A 111 19.02 19.19 -19.09
N GLY A 112 19.17 18.02 -18.48
CA GLY A 112 18.29 17.64 -17.40
C GLY A 112 16.91 17.25 -17.88
N SER A 113 15.89 17.72 -17.17
CA SER A 113 14.50 17.36 -17.43
C SER A 113 13.84 18.43 -18.29
N LEU A 114 12.59 18.18 -18.66
CA LEU A 114 11.81 19.21 -19.36
C LEU A 114 11.49 20.37 -18.43
N GLN A 115 11.36 20.11 -17.13
CA GLN A 115 11.16 21.20 -16.18
C GLN A 115 12.43 22.04 -16.06
N ASP A 116 13.60 21.40 -16.03
CA ASP A 116 14.85 22.16 -16.10
C ASP A 116 14.87 23.06 -17.32
N ILE A 117 14.28 22.60 -18.43
CA ILE A 117 14.37 23.34 -19.68
C ILE A 117 13.38 24.50 -19.69
N TYR A 118 12.08 24.20 -19.55
CA TYR A 118 11.09 25.25 -19.72
C TYR A 118 11.19 26.33 -18.65
N GLN A 119 11.88 26.06 -17.54
CA GLN A 119 12.12 27.13 -16.57
C GLN A 119 13.03 28.20 -17.16
N VAL A 120 13.98 27.80 -18.00
CA VAL A 120 14.82 28.75 -18.73
C VAL A 120 14.18 29.12 -20.05
N THR A 121 13.65 28.14 -20.78
CA THR A 121 13.10 28.39 -22.10
C THR A 121 11.74 29.08 -22.02
N GLY A 122 10.90 28.67 -21.09
CA GLY A 122 9.50 29.04 -21.11
C GLY A 122 8.65 27.95 -21.71
N SER A 123 7.40 28.32 -22.01
CA SER A 123 6.42 27.36 -22.48
C SER A 123 6.83 26.72 -23.80
N LEU A 124 6.62 25.41 -23.90
CA LEU A 124 6.86 24.70 -25.14
C LEU A 124 5.72 24.98 -26.12
N SER A 125 5.97 24.67 -27.39
CA SER A 125 4.97 24.82 -28.44
C SER A 125 4.10 23.57 -28.53
N GLU A 126 2.95 23.73 -29.19
CA GLU A 126 2.03 22.60 -29.31
C GLU A 126 2.68 21.43 -30.06
N LEU A 127 3.44 21.73 -31.10
CA LEU A 127 4.12 20.65 -31.83
C LEU A 127 5.18 19.98 -30.96
N GLN A 128 5.96 20.77 -30.22
CA GLN A 128 6.92 20.18 -29.30
C GLN A 128 6.23 19.35 -28.25
N ILE A 129 5.10 19.84 -27.72
CA ILE A 129 4.35 19.08 -26.72
C ILE A 129 3.83 17.79 -27.33
N SER A 130 3.37 17.85 -28.59
CA SER A 130 2.84 16.65 -29.24
C SER A 130 3.93 15.60 -29.42
N TYR A 131 5.14 16.03 -29.78
CA TYR A 131 6.23 15.06 -29.97
C TYR A 131 6.60 14.41 -28.65
N VAL A 132 6.71 15.21 -27.60
CA VAL A 132 7.00 14.66 -26.27
C VAL A 132 5.95 13.61 -25.89
N CYS A 133 4.68 13.97 -26.04
CA CYS A 133 3.61 13.03 -25.71
C CYS A 133 3.76 11.72 -26.48
N ARG A 134 4.14 11.81 -27.75
CA ARG A 134 4.30 10.58 -28.53
C ARG A 134 5.44 9.74 -27.98
N GLU A 135 6.60 10.37 -27.74
CA GLU A 135 7.77 9.62 -27.27
C GLU A 135 7.54 9.10 -25.86
N VAL A 136 6.86 9.87 -25.01
CA VAL A 136 6.57 9.38 -23.67
C VAL A 136 5.57 8.24 -23.74
N LEU A 137 4.58 8.33 -24.63
CA LEU A 137 3.62 7.25 -24.77
C LEU A 137 4.30 5.96 -25.20
N GLN A 138 5.28 6.05 -26.11
CA GLN A 138 6.01 4.86 -26.51
C GLN A 138 6.79 4.27 -25.32
N GLY A 139 7.46 5.13 -24.56
CA GLY A 139 8.10 4.66 -23.35
C GLY A 139 7.11 4.01 -22.40
N LEU A 140 5.93 4.63 -22.24
CA LEU A 140 4.91 4.07 -21.35
C LEU A 140 4.39 2.75 -21.86
N ALA A 141 4.17 2.63 -23.17
CA ALA A 141 3.70 1.36 -23.71
C ALA A 141 4.70 0.24 -23.45
N TYR A 142 6.00 0.57 -23.52
CA TYR A 142 7.03 -0.42 -23.21
C TYR A 142 6.96 -0.85 -21.75
N LEU A 143 6.97 0.11 -20.82
CA LEU A 143 6.95 -0.22 -19.41
C LEU A 143 5.70 -1.03 -19.06
N HIS A 144 4.54 -0.61 -19.59
CA HIS A 144 3.30 -1.31 -19.30
C HIS A 144 3.30 -2.73 -19.84
N SER A 145 3.97 -2.96 -20.97
CA SER A 145 4.11 -4.31 -21.50
C SER A 145 4.92 -5.21 -20.59
N GLN A 146 5.67 -4.62 -19.64
CA GLN A 146 6.39 -5.39 -18.63
C GLN A 146 5.65 -5.42 -17.30
N LYS A 147 4.39 -5.00 -17.28
CA LYS A 147 3.62 -4.87 -16.05
C LYS A 147 4.35 -3.96 -15.06
N LYS A 148 5.01 -2.94 -15.59
CA LYS A 148 5.54 -1.85 -14.79
C LYS A 148 4.60 -0.65 -14.88
N ILE A 149 4.49 0.09 -13.79
CA ILE A 149 3.79 1.37 -13.77
C ILE A 149 4.81 2.45 -13.40
N HIS A 150 4.87 3.51 -14.21
CA HIS A 150 5.84 4.57 -13.94
C HIS A 150 5.54 5.27 -12.62
N ARG A 151 4.31 5.77 -12.45
CA ARG A 151 3.73 6.34 -11.24
C ARG A 151 4.12 7.81 -11.02
N ASP A 152 5.03 8.38 -11.81
CA ASP A 152 5.47 9.75 -11.55
C ASP A 152 5.76 10.48 -12.86
N ILE A 153 4.86 10.34 -13.83
CA ILE A 153 5.04 11.06 -15.10
C ILE A 153 4.80 12.54 -14.85
N LYS A 154 5.81 13.35 -15.18
CA LYS A 154 5.72 14.80 -15.09
C LYS A 154 6.98 15.38 -15.70
N GLY A 155 6.94 16.69 -15.95
CA GLY A 155 8.06 17.35 -16.61
C GLY A 155 9.40 17.03 -15.99
N ALA A 156 9.48 17.08 -14.66
CA ALA A 156 10.74 16.85 -13.97
C ALA A 156 11.30 15.45 -14.19
N ASN A 157 10.48 14.51 -14.66
CA ASN A 157 10.90 13.13 -14.82
C ASN A 157 11.04 12.72 -16.28
N ILE A 158 10.93 13.67 -17.20
CA ILE A 158 11.12 13.41 -18.62
C ILE A 158 12.46 14.04 -19.00
N LEU A 159 13.43 13.19 -19.35
CA LEU A 159 14.79 13.63 -19.61
C LEU A 159 15.01 13.87 -21.08
N ILE A 160 15.91 14.81 -21.38
CA ILE A 160 16.28 15.16 -22.75
C ILE A 160 17.79 15.08 -22.85
N ASN A 161 18.29 14.16 -23.67
CA ASN A 161 19.73 14.07 -23.86
C ASN A 161 20.15 14.97 -25.01
N ASP A 162 21.47 15.06 -25.24
CA ASP A 162 22.00 16.00 -26.22
C ASP A 162 21.66 15.58 -27.64
N ALA A 163 21.24 14.33 -27.85
CA ALA A 163 20.79 13.90 -29.17
C ALA A 163 19.36 14.32 -29.46
N GLY A 164 18.70 14.98 -28.52
CA GLY A 164 17.31 15.35 -28.70
C GLY A 164 16.33 14.24 -28.43
N GLU A 165 16.72 13.24 -27.65
CA GLU A 165 15.86 12.09 -27.39
C GLU A 165 15.07 12.29 -26.11
N VAL A 166 13.80 11.89 -26.14
CA VAL A 166 12.91 11.98 -25.00
C VAL A 166 12.88 10.62 -24.33
N ARG A 167 13.28 10.57 -23.05
CA ARG A 167 13.47 9.29 -22.39
C ARG A 167 12.88 9.33 -20.99
N LEU A 168 12.42 8.17 -20.55
CA LEU A 168 11.93 7.95 -19.20
C LEU A 168 12.92 7.07 -18.45
N ALA A 169 13.04 7.29 -17.15
CA ALA A 169 13.81 6.40 -16.30
C ALA A 169 12.93 5.25 -15.84
N ASP A 170 13.50 4.05 -15.85
CA ASP A 170 12.82 2.81 -15.47
C ASP A 170 13.39 2.38 -14.11
N PHE A 171 12.71 2.78 -13.03
CA PHE A 171 13.07 2.38 -11.68
C PHE A 171 12.09 1.37 -11.10
N GLY A 172 11.37 0.64 -11.95
CA GLY A 172 10.47 -0.38 -11.45
C GLY A 172 11.15 -1.33 -10.48
N ILE A 173 12.46 -1.50 -10.62
CA ILE A 173 13.22 -2.32 -9.68
C ILE A 173 13.01 -1.82 -8.26
N SER A 174 13.09 -0.51 -8.06
CA SER A 174 12.96 0.09 -6.72
C SER A 174 11.73 -0.42 -5.98
N ARG A 184 7.62 -3.58 3.71
CA ARG A 184 6.34 -3.52 2.98
C ARG A 184 5.70 -4.90 2.92
N LEU A 185 6.42 -5.90 3.42
CA LEU A 185 5.80 -7.11 3.94
C LEU A 185 5.17 -6.86 5.30
N GLU A 186 5.50 -5.73 5.92
CA GLU A 186 4.82 -5.26 7.12
C GLU A 186 3.32 -5.14 6.87
N PHE A 187 2.93 -4.46 5.80
CA PHE A 187 1.52 -4.43 5.41
C PHE A 187 0.98 -5.84 5.23
N ILE A 188 1.75 -6.71 4.58
CA ILE A 188 1.29 -8.04 4.23
C ILE A 188 1.28 -8.96 5.45
N GLY A 189 2.46 -9.29 5.96
CA GLY A 189 2.56 -10.32 6.97
C GLY A 189 2.19 -11.67 6.40
N THR A 190 1.16 -12.32 6.97
CA THR A 190 0.65 -13.58 6.39
C THR A 190 -0.65 -13.30 5.65
N PRO A 191 -0.83 -13.77 4.41
CA PRO A 191 -1.98 -13.34 3.61
C PRO A 191 -3.17 -14.30 3.56
N TYR A 192 -3.19 -15.36 4.34
CA TYR A 192 -4.22 -16.39 4.13
C TYR A 192 -5.62 -15.89 4.49
N TRP A 193 -5.72 -14.89 5.35
CA TRP A 193 -7.02 -14.39 5.79
C TRP A 193 -7.45 -13.11 5.10
N MET A 194 -6.60 -12.49 4.29
CA MET A 194 -6.93 -11.16 3.80
C MET A 194 -7.78 -11.23 2.55
N ALA A 195 -8.57 -10.18 2.34
CA ALA A 195 -9.48 -10.15 1.22
C ALA A 195 -8.73 -9.92 -0.09
N PRO A 196 -9.35 -10.26 -1.23
CA PRO A 196 -8.64 -10.06 -2.51
C PRO A 196 -8.26 -8.61 -2.75
N GLU A 197 -9.13 -7.66 -2.39
CA GLU A 197 -8.82 -6.26 -2.59
C GLU A 197 -7.67 -5.81 -1.70
N VAL A 198 -7.50 -6.43 -0.54
CA VAL A 198 -6.36 -6.11 0.32
C VAL A 198 -5.08 -6.66 -0.29
N ALA A 199 -5.17 -7.84 -0.92
CA ALA A 199 -4.00 -8.40 -1.61
C ALA A 199 -3.64 -7.57 -2.82
N ALA A 200 -4.64 -7.05 -3.54
CA ALA A 200 -4.37 -6.20 -4.68
C ALA A 200 -3.64 -4.93 -4.26
N VAL A 201 -4.05 -4.34 -3.12
CA VAL A 201 -3.35 -3.15 -2.64
C VAL A 201 -1.94 -3.52 -2.20
N ALA A 202 -1.77 -4.71 -1.63
CA ALA A 202 -0.44 -5.13 -1.18
C ALA A 202 0.51 -5.34 -2.36
N LEU A 203 0.00 -5.73 -3.52
CA LEU A 203 0.86 -6.05 -4.67
C LEU A 203 1.05 -4.82 -5.56
N LYS A 204 0.00 -4.46 -6.31
CA LYS A 204 0.09 -3.29 -7.18
C LYS A 204 0.04 -2.01 -6.37
N GLY A 205 -1.08 -1.77 -5.68
CA GLY A 205 -1.22 -0.60 -4.86
C GLY A 205 -2.59 0.05 -4.95
N GLY A 206 -3.54 -0.63 -5.57
CA GLY A 206 -4.90 -0.15 -5.65
C GLY A 206 -5.30 0.51 -6.95
N TYR A 207 -4.51 0.32 -8.02
CA TYR A 207 -4.79 0.95 -9.30
C TYR A 207 -3.95 0.21 -10.35
N ASN A 208 -3.97 0.71 -11.59
CA ASN A 208 -3.29 0.06 -12.69
C ASN A 208 -2.50 1.07 -13.51
N GLU A 209 -1.88 0.58 -14.59
CA GLU A 209 -0.96 1.41 -15.36
C GLU A 209 -1.66 2.58 -16.04
N LEU A 210 -2.98 2.61 -16.08
CA LEU A 210 -3.67 3.73 -16.72
C LEU A 210 -3.52 5.03 -15.95
N CYS A 211 -3.03 4.99 -14.70
CA CYS A 211 -2.73 6.23 -14.01
C CYS A 211 -1.63 7.02 -14.72
N ASP A 212 -0.74 6.33 -15.44
CA ASP A 212 0.28 7.04 -16.19
C ASP A 212 -0.32 7.89 -17.30
N ILE A 213 -1.44 7.44 -17.87
CA ILE A 213 -2.05 8.19 -18.97
C ILE A 213 -2.65 9.49 -18.45
N TRP A 214 -3.22 9.46 -17.24
CA TRP A 214 -3.68 10.70 -16.63
C TRP A 214 -2.52 11.65 -16.37
N SER A 215 -1.44 11.13 -15.78
CA SER A 215 -0.31 11.98 -15.47
C SER A 215 0.30 12.60 -16.73
N LEU A 216 0.20 11.91 -17.86
CA LEU A 216 0.72 12.49 -19.10
C LEU A 216 -0.16 13.65 -19.56
N GLY A 217 -1.49 13.49 -19.45
CA GLY A 217 -2.38 14.60 -19.77
C GLY A 217 -2.06 15.83 -18.94
N ILE A 218 -1.87 15.64 -17.63
CA ILE A 218 -1.47 16.75 -16.78
C ILE A 218 -0.12 17.30 -17.22
N THR A 219 0.80 16.41 -17.63
CA THR A 219 2.13 16.86 -18.03
C THR A 219 2.06 17.75 -19.26
N ALA A 220 1.22 17.41 -20.23
CA ALA A 220 1.04 18.27 -21.40
C ALA A 220 0.62 19.68 -20.98
N ILE A 221 -0.35 19.77 -20.07
CA ILE A 221 -0.77 21.08 -19.57
C ILE A 221 0.39 21.77 -18.87
N GLU A 222 1.15 21.03 -18.07
CA GLU A 222 2.34 21.60 -17.45
C GLU A 222 3.26 22.20 -18.50
N LEU A 223 3.46 21.47 -19.61
CA LEU A 223 4.34 21.96 -20.68
C LEU A 223 3.74 23.15 -21.41
N ALA A 224 2.42 23.32 -21.35
CA ALA A 224 1.76 24.45 -21.99
C ALA A 224 1.74 25.69 -21.11
N GLU A 225 1.69 25.53 -19.78
CA GLU A 225 1.48 26.65 -18.88
C GLU A 225 2.56 26.85 -17.82
N LEU A 226 3.53 25.94 -17.72
CA LEU A 226 4.66 26.00 -16.80
C LEU A 226 4.25 25.55 -15.40
N GLN A 227 2.98 25.22 -15.18
CA GLN A 227 2.51 24.66 -13.92
C GLN A 227 1.42 23.66 -14.22
N PRO A 228 1.23 22.66 -13.38
CA PRO A 228 0.04 21.82 -13.49
C PRO A 228 -1.18 22.56 -12.96
N PRO A 229 -2.38 22.13 -13.32
CA PRO A 229 -3.59 22.75 -12.72
C PRO A 229 -3.51 22.69 -11.20
N LEU A 230 -3.82 23.83 -10.57
CA LEU A 230 -3.97 23.93 -9.12
C LEU A 230 -2.63 23.87 -8.39
N PHE A 231 -1.55 24.34 -9.03
CA PHE A 231 -0.24 24.26 -8.40
C PHE A 231 -0.21 25.02 -7.07
N ASP A 232 -0.97 26.10 -6.97
CA ASP A 232 -0.93 26.95 -5.79
C ASP A 232 -1.89 26.50 -4.69
N VAL A 233 -2.71 25.49 -4.94
CA VAL A 233 -3.59 24.95 -3.91
C VAL A 233 -2.81 23.98 -3.03
N HIS A 234 -3.29 23.78 -1.81
CA HIS A 234 -2.59 22.90 -0.87
C HIS A 234 -2.73 21.45 -1.33
N PRO A 235 -1.63 20.67 -1.36
CA PRO A 235 -1.74 19.27 -1.80
C PRO A 235 -2.96 18.53 -1.27
N LEU A 236 -3.17 18.55 0.06
CA LEU A 236 -4.30 17.84 0.64
C LEU A 236 -5.61 18.25 -0.01
N ARG A 237 -5.88 19.56 -0.03
CA ARG A 237 -7.09 20.06 -0.65
C ARG A 237 -7.29 19.43 -2.03
N VAL A 238 -6.28 19.54 -2.90
CA VAL A 238 -6.39 19.00 -4.25
C VAL A 238 -6.71 17.51 -4.21
N LEU A 239 -6.04 16.77 -3.33
CA LEU A 239 -6.29 15.34 -3.22
C LEU A 239 -7.74 15.06 -2.90
N PHE A 240 -8.29 15.79 -1.93
CA PHE A 240 -9.66 15.54 -1.51
C PHE A 240 -10.66 15.91 -2.60
N LEU A 241 -10.43 17.03 -3.28
CA LEU A 241 -11.35 17.44 -4.34
C LEU A 241 -11.51 16.35 -5.39
N MET A 242 -10.46 15.56 -5.65
CA MET A 242 -10.52 14.54 -6.68
C MET A 242 -11.42 13.38 -6.27
N THR A 243 -11.52 13.11 -4.97
CA THR A 243 -12.30 11.95 -4.52
C THR A 243 -13.81 12.23 -4.57
N LYS A 244 -14.22 13.49 -4.47
CA LYS A 244 -15.63 13.80 -4.61
C LYS A 244 -16.16 13.28 -5.94
N SER A 245 -17.42 12.81 -5.92
CA SER A 245 -18.05 12.40 -7.16
C SER A 245 -18.44 13.57 -8.03
N GLY A 246 -18.42 14.79 -7.50
CA GLY A 246 -18.59 16.00 -8.27
C GLY A 246 -17.33 16.52 -8.93
N TYR A 247 -16.28 15.71 -8.98
CA TYR A 247 -15.02 16.13 -9.57
C TYR A 247 -15.12 16.15 -11.09
N GLN A 248 -14.56 17.20 -11.69
CA GLN A 248 -14.47 17.32 -13.13
C GLN A 248 -13.02 17.51 -13.53
N PRO A 249 -12.52 16.79 -14.53
CA PRO A 249 -11.10 16.86 -14.85
C PRO A 249 -10.69 18.29 -15.22
N PRO A 250 -9.43 18.63 -15.05
CA PRO A 250 -8.96 19.97 -15.40
C PRO A 250 -8.78 20.12 -16.91
N ARG A 251 -8.50 21.35 -17.32
CA ARG A 251 -8.37 21.68 -18.73
C ARG A 251 -7.27 22.72 -18.91
N LEU A 252 -6.96 23.01 -20.17
CA LEU A 252 -5.96 24.01 -20.49
C LEU A 252 -6.46 25.40 -20.12
N LYS A 253 -5.56 26.21 -19.57
CA LYS A 253 -5.93 27.54 -19.08
C LYS A 253 -6.51 28.39 -20.20
N GLU A 254 -5.76 28.58 -21.28
CA GLU A 254 -6.14 29.51 -22.36
C GLU A 254 -6.66 28.71 -23.55
N LYS A 255 -7.99 28.67 -23.69
CA LYS A 255 -8.61 27.98 -24.81
C LYS A 255 -8.09 28.44 -26.17
N GLY A 256 -7.51 29.64 -26.22
CA GLY A 256 -7.16 30.23 -27.52
C GLY A 256 -5.93 29.62 -28.15
N LYS A 257 -4.86 29.44 -27.37
CA LYS A 257 -3.55 29.06 -27.91
C LYS A 257 -3.51 27.66 -28.50
N TRP A 258 -4.57 26.86 -28.40
CA TRP A 258 -4.48 25.43 -28.66
C TRP A 258 -5.58 24.98 -29.61
N SER A 259 -5.29 23.88 -30.31
CA SER A 259 -6.14 23.36 -31.36
C SER A 259 -7.10 22.31 -30.82
N ALA A 260 -8.05 21.92 -31.67
CA ALA A 260 -9.04 20.92 -31.28
C ALA A 260 -8.36 19.62 -30.86
N ALA A 261 -7.30 19.23 -31.58
CA ALA A 261 -6.62 17.97 -31.27
C ALA A 261 -6.02 18.00 -29.87
N PHE A 262 -5.28 19.06 -29.55
CA PHE A 262 -4.70 19.19 -28.21
C PHE A 262 -5.79 19.12 -27.15
N HIS A 263 -6.82 19.95 -27.28
CA HIS A 263 -7.92 19.94 -26.31
C HIS A 263 -8.52 18.55 -26.18
N ASN A 264 -8.70 17.85 -27.30
CA ASN A 264 -9.28 16.51 -27.24
C ASN A 264 -8.32 15.52 -26.59
N PHE A 265 -7.03 15.58 -26.95
CA PHE A 265 -6.03 14.76 -26.28
C PHE A 265 -6.16 14.89 -24.77
N ILE A 266 -6.22 16.14 -24.29
CA ILE A 266 -6.39 16.37 -22.86
C ILE A 266 -7.64 15.67 -22.35
N LYS A 267 -8.77 15.89 -23.03
CA LYS A 267 -10.04 15.37 -22.55
C LYS A 267 -9.97 13.87 -22.29
N VAL A 268 -9.41 13.12 -23.25
CA VAL A 268 -9.48 11.68 -23.17
C VAL A 268 -8.40 11.10 -22.26
N THR A 269 -7.22 11.71 -22.21
CA THR A 269 -6.21 11.24 -21.27
C THR A 269 -6.67 11.48 -19.83
N LEU A 270 -7.33 12.61 -19.60
CA LEU A 270 -7.88 12.94 -18.28
C LEU A 270 -9.28 12.37 -18.09
N THR A 271 -9.53 11.18 -18.62
CA THR A 271 -10.77 10.48 -18.34
C THR A 271 -10.84 10.14 -16.86
N LYS A 272 -11.99 10.42 -16.23
CA LYS A 272 -12.10 10.27 -14.79
C LYS A 272 -11.98 8.81 -14.38
N SER A 273 -12.80 7.95 -14.97
CA SER A 273 -12.80 6.56 -14.55
C SER A 273 -11.67 5.81 -15.25
N PRO A 274 -10.80 5.11 -14.51
CA PRO A 274 -9.75 4.33 -15.18
C PRO A 274 -10.29 3.24 -16.07
N LYS A 275 -11.53 2.79 -15.85
CA LYS A 275 -12.09 1.75 -16.70
C LYS A 275 -12.35 2.25 -18.12
N LYS A 276 -12.42 3.57 -18.32
CA LYS A 276 -12.64 4.16 -19.63
C LYS A 276 -11.41 4.88 -20.17
N ARG A 277 -10.34 5.00 -19.39
CA ARG A 277 -9.17 5.77 -19.84
C ARG A 277 -8.42 4.98 -20.90
N PRO A 278 -8.10 5.58 -22.05
CA PRO A 278 -7.42 4.82 -23.10
C PRO A 278 -6.01 4.39 -22.69
N SER A 279 -5.63 3.21 -23.16
CA SER A 279 -4.31 2.69 -22.86
C SER A 279 -3.23 3.53 -23.56
N ALA A 280 -1.97 3.16 -23.31
CA ALA A 280 -0.88 3.83 -24.00
C ALA A 280 -0.85 3.47 -25.47
N THR A 281 -1.03 2.19 -25.79
CA THR A 281 -1.04 1.77 -27.19
C THR A 281 -2.13 2.50 -27.96
N LYS A 282 -3.35 2.57 -27.40
CA LYS A 282 -4.44 3.22 -28.11
C LYS A 282 -4.18 4.71 -28.27
N MET A 283 -3.72 5.37 -27.21
CA MET A 283 -3.45 6.81 -27.30
C MET A 283 -2.47 7.14 -28.42
N LEU A 284 -1.61 6.19 -28.80
CA LEU A 284 -0.60 6.46 -29.83
C LEU A 284 -1.23 6.67 -31.22
N SER A 285 -2.46 6.22 -31.42
CA SER A 285 -3.17 6.46 -32.66
C SER A 285 -3.97 7.77 -32.64
N HIS A 286 -4.06 8.43 -31.50
CA HIS A 286 -4.73 9.72 -31.43
C HIS A 286 -4.16 10.69 -32.46
N GLN A 287 -4.97 11.66 -32.86
CA GLN A 287 -4.57 12.57 -33.93
C GLN A 287 -3.34 13.38 -33.54
N LEU A 288 -3.28 13.82 -32.29
CA LEU A 288 -2.24 14.76 -31.89
C LEU A 288 -0.85 14.16 -32.03
N VAL A 289 -0.71 12.86 -31.73
CA VAL A 289 0.58 12.20 -31.75
C VAL A 289 0.82 11.41 -33.04
N SER A 290 -0.14 11.42 -33.96
CA SER A 290 0.01 10.75 -35.24
C SER A 290 0.33 11.70 -36.38
N GLN A 291 0.06 12.99 -36.22
CA GLN A 291 0.16 13.94 -37.31
C GLN A 291 1.57 13.95 -37.90
N PRO A 292 1.71 14.42 -39.14
CA PRO A 292 3.05 14.47 -39.76
C PRO A 292 3.85 15.65 -39.24
N GLY A 293 5.18 15.54 -39.40
CA GLY A 293 6.07 16.59 -38.96
C GLY A 293 6.65 16.42 -37.58
N LEU A 294 6.27 15.35 -36.87
CA LEU A 294 6.85 15.06 -35.56
C LEU A 294 8.21 14.41 -35.77
N ASN A 295 9.27 15.14 -35.43
CA ASN A 295 10.63 14.61 -35.55
C ASN A 295 11.50 15.28 -34.50
N ARG A 296 12.67 14.69 -34.28
CA ARG A 296 13.56 15.19 -33.24
C ARG A 296 13.96 16.64 -33.44
N GLY A 297 13.76 17.17 -34.65
CA GLY A 297 14.03 18.59 -34.86
C GLY A 297 13.32 19.47 -33.85
N LEU A 298 12.12 19.08 -33.43
CA LEU A 298 11.39 19.87 -32.44
C LEU A 298 12.17 19.97 -31.14
N ILE A 299 12.85 18.90 -30.73
CA ILE A 299 13.54 18.92 -29.46
C ILE A 299 14.92 19.54 -29.60
N LEU A 300 15.59 19.35 -30.73
CA LEU A 300 16.86 20.02 -30.94
C LEU A 300 16.65 21.52 -31.06
N ASP A 301 15.52 21.94 -31.64
CA ASP A 301 15.16 23.36 -31.59
C ASP A 301 15.04 23.83 -30.16
N LEU A 302 14.41 23.04 -29.30
CA LEU A 302 14.26 23.43 -27.90
C LEU A 302 15.61 23.60 -27.23
N LEU A 303 16.53 22.66 -27.46
CA LEU A 303 17.85 22.77 -26.85
C LEU A 303 18.60 24.00 -27.37
N ASP A 304 18.44 24.31 -28.66
CA ASP A 304 19.03 25.53 -29.20
C ASP A 304 18.55 26.76 -28.45
N LYS A 305 17.22 26.86 -28.27
CA LYS A 305 16.67 27.98 -27.51
C LYS A 305 17.24 27.99 -26.10
N LEU A 306 17.39 26.82 -25.49
CA LEU A 306 18.01 26.73 -24.17
C LEU A 306 19.43 27.27 -24.20
N LYS A 307 20.20 26.94 -25.24
CA LYS A 307 21.58 27.40 -25.33
C LYS A 307 21.64 28.92 -25.41
N ASN A 308 20.69 29.54 -26.12
CA ASN A 308 20.68 30.99 -26.23
C ASN A 308 20.37 31.64 -24.89
N GLY A 309 19.41 31.08 -24.14
CA GLY A 309 19.06 31.62 -22.84
C GLY A 309 20.18 31.60 -21.83
N ASN A 310 21.23 30.81 -22.08
CA ASN A 310 22.36 30.71 -21.17
C ASN A 310 23.60 31.36 -21.74
N SER A 311 23.52 32.64 -22.09
CA SER A 311 24.68 33.39 -22.55
C SER A 311 24.47 34.89 -22.37
N VAL B 19 3.41 7.46 22.96
CA VAL B 19 2.95 8.67 23.65
C VAL B 19 1.42 8.78 23.54
N ASP B 20 0.80 9.23 24.62
CA ASP B 20 -0.66 9.24 24.78
C ASP B 20 -1.00 10.35 25.76
N PRO B 21 -2.13 11.05 25.58
CA PRO B 21 -2.42 12.19 26.46
C PRO B 21 -2.98 11.80 27.81
N ASP B 22 -3.36 10.53 28.00
CA ASP B 22 -3.86 10.01 29.27
C ASP B 22 -2.93 8.94 29.84
N ILE B 23 -1.71 8.83 29.32
CA ILE B 23 -0.78 7.82 29.77
C ILE B 23 -0.44 8.07 31.23
N PHE B 24 -0.47 7.00 32.02
CA PHE B 24 0.02 7.08 33.40
C PHE B 24 1.53 7.17 33.37
N ASN B 25 2.08 8.22 33.97
CA ASN B 25 3.52 8.44 33.99
C ASN B 25 4.14 7.82 35.24
N ARG B 26 3.97 6.51 35.36
CA ARG B 26 4.47 5.79 36.54
C ARG B 26 4.69 4.33 36.17
N ASP B 27 5.32 3.60 37.10
CA ASP B 27 5.72 2.22 36.86
C ASP B 27 4.52 1.28 37.06
N PRO B 28 4.15 0.48 36.06
CA PRO B 28 3.02 -0.44 36.27
C PRO B 28 3.30 -1.49 37.33
N ARG B 29 4.56 -1.84 37.57
CA ARG B 29 4.86 -2.84 38.59
C ARG B 29 4.52 -2.37 39.99
N ASP B 30 4.31 -1.07 40.19
CA ASP B 30 3.80 -0.58 41.47
C ASP B 30 2.35 -1.00 41.70
N HIS B 31 1.63 -1.36 40.63
CA HIS B 31 0.23 -1.72 40.73
C HIS B 31 -0.06 -3.19 40.43
N TYR B 32 0.85 -3.89 39.78
CA TYR B 32 0.60 -5.26 39.33
C TYR B 32 1.78 -6.17 39.65
N ASP B 33 1.48 -7.44 39.86
CA ASP B 33 2.49 -8.48 40.00
C ASP B 33 2.61 -9.21 38.66
N LEU B 34 3.80 -9.16 38.06
CA LEU B 34 4.01 -9.82 36.78
C LEU B 34 3.91 -11.34 36.94
N LEU B 35 3.24 -11.98 35.98
CA LEU B 35 3.19 -13.43 35.93
C LEU B 35 3.71 -13.91 34.56
N GLN B 36 3.22 -15.03 34.07
CA GLN B 36 3.87 -15.68 32.94
C GLN B 36 3.71 -14.87 31.65
N ARG B 37 4.62 -15.15 30.72
CA ARG B 37 4.55 -14.58 29.38
C ARG B 37 3.53 -15.35 28.54
N LEU B 38 2.88 -14.64 27.62
CA LEU B 38 1.76 -15.21 26.88
C LEU B 38 2.02 -15.15 25.37
N GLY B 39 1.78 -16.27 24.69
CA GLY B 39 1.51 -16.29 23.26
C GLY B 39 2.64 -16.01 22.30
N GLY B 40 2.63 -16.70 21.16
CA GLY B 40 3.54 -16.42 20.07
C GLY B 40 2.85 -15.54 19.04
N GLY B 41 3.59 -14.54 18.54
CA GLY B 41 2.99 -13.47 17.77
C GLY B 41 2.64 -12.25 18.58
N THR B 42 3.16 -12.15 19.82
CA THR B 42 3.01 -10.97 20.66
C THR B 42 3.27 -9.70 19.86
N GLU B 45 5.81 -8.64 23.70
CA GLU B 45 5.89 -9.27 25.02
C GLU B 45 4.62 -9.00 25.82
N VAL B 46 3.79 -10.03 25.97
CA VAL B 46 2.52 -9.93 26.68
C VAL B 46 2.59 -10.80 27.93
N PHE B 47 2.10 -10.26 29.05
CA PHE B 47 2.19 -10.91 30.34
C PHE B 47 0.82 -10.97 31.01
N LYS B 48 0.55 -12.07 31.68
CA LYS B 48 -0.53 -12.14 32.65
C LYS B 48 -0.09 -11.43 33.92
N ALA B 49 -1.01 -10.68 34.54
CA ALA B 49 -0.64 -9.92 35.72
C ALA B 49 -1.83 -9.83 36.68
N ARG B 50 -1.54 -9.52 37.93
CA ARG B 50 -2.55 -9.42 38.97
C ARG B 50 -2.45 -8.08 39.68
N ASP B 51 -3.57 -7.37 39.75
CA ASP B 51 -3.63 -6.09 40.46
C ASP B 51 -3.28 -6.28 41.94
N LYS B 52 -2.17 -5.67 42.36
CA LYS B 52 -1.73 -5.81 43.74
C LYS B 52 -2.82 -5.40 44.73
N VAL B 53 -3.63 -4.41 44.39
CA VAL B 53 -4.66 -3.94 45.30
C VAL B 53 -5.91 -4.81 45.22
N SER B 54 -6.30 -5.20 44.00
CA SER B 54 -7.58 -5.86 43.81
C SER B 54 -7.48 -7.35 43.52
N GLY B 55 -6.29 -7.88 43.23
CA GLY B 55 -6.17 -9.26 42.83
C GLY B 55 -6.81 -9.60 41.50
N ASP B 56 -7.35 -8.62 40.79
CA ASP B 56 -7.92 -8.89 39.48
C ASP B 56 -6.84 -9.25 38.48
N LEU B 57 -7.18 -10.09 37.52
CA LEU B 57 -6.25 -10.49 36.47
C LEU B 57 -6.33 -9.54 35.29
N VAL B 58 -5.19 -9.30 34.66
CA VAL B 58 -5.10 -8.43 33.49
C VAL B 58 -4.02 -8.99 32.57
N ALA B 59 -3.92 -8.40 31.38
CA ALA B 59 -2.84 -8.67 30.44
C ALA B 59 -2.07 -7.38 30.22
N LEU B 60 -0.74 -7.45 30.35
CA LEU B 60 0.14 -6.29 30.17
C LEU B 60 1.08 -6.55 29.01
N LYS B 61 0.96 -5.75 27.95
CA LYS B 61 1.85 -5.84 26.79
C LYS B 61 2.98 -4.83 26.95
N MET B 62 4.18 -5.35 27.23
CA MET B 62 5.37 -4.51 27.36
C MET B 62 6.11 -4.43 26.04
N VAL B 63 6.59 -3.23 25.72
CA VAL B 63 7.42 -3.01 24.54
C VAL B 63 8.47 -1.98 24.93
N LYS B 64 9.73 -2.41 24.99
CA LYS B 64 10.81 -1.49 25.32
C LYS B 64 10.90 -0.40 24.27
N MET B 65 11.30 0.79 24.71
CA MET B 65 11.12 1.99 23.89
C MET B 65 12.25 2.98 24.21
N GLU B 66 13.20 3.08 23.29
CA GLU B 66 14.19 4.14 23.35
C GLU B 66 13.50 5.47 23.02
N PRO B 67 14.05 6.59 23.49
CA PRO B 67 13.46 7.89 23.12
C PRO B 67 13.59 8.21 21.65
N ASP B 68 14.51 7.56 20.93
CA ASP B 68 14.66 7.78 19.50
C ASP B 68 13.71 6.92 18.68
N ASP B 69 13.20 5.84 19.24
CA ASP B 69 12.20 5.03 18.55
C ASP B 69 10.95 5.87 18.27
N ASP B 70 10.45 5.80 17.04
CA ASP B 70 9.28 6.57 16.67
C ASP B 70 8.05 6.04 17.40
N VAL B 71 7.24 6.96 17.93
CA VAL B 71 6.07 6.60 18.71
C VAL B 71 4.80 6.51 17.87
N SER B 72 4.85 6.91 16.60
CA SER B 72 3.64 7.01 15.79
C SER B 72 2.77 5.76 15.88
N THR B 73 3.36 4.60 15.62
CA THR B 73 2.58 3.36 15.59
C THR B 73 2.01 3.06 16.98
N LEU B 74 2.85 3.05 18.01
CA LEU B 74 2.36 2.78 19.35
C LEU B 74 1.35 3.84 19.80
N GLN B 75 1.53 5.08 19.34
CA GLN B 75 0.57 6.12 19.68
C GLN B 75 -0.81 5.80 19.10
N LYS B 76 -0.85 5.41 17.82
CA LYS B 76 -2.13 5.12 17.17
C LYS B 76 -2.75 3.86 17.76
N GLU B 77 -1.93 2.86 18.11
CA GLU B 77 -2.47 1.61 18.63
C GLU B 77 -3.14 1.82 19.98
N ILE B 78 -2.51 2.57 20.87
CA ILE B 78 -3.13 2.91 22.15
C ILE B 78 -4.41 3.70 21.90
N LEU B 79 -4.34 4.71 21.02
CA LEU B 79 -5.53 5.50 20.71
C LEU B 79 -6.67 4.61 20.22
N ILE B 80 -6.35 3.67 19.31
CA ILE B 80 -7.40 2.81 18.76
C ILE B 80 -8.05 1.98 19.87
N LEU B 81 -7.25 1.57 20.85
CA LEU B 81 -7.77 0.70 21.90
C LEU B 81 -8.53 1.45 22.98
N LYS B 82 -8.12 2.68 23.31
CA LYS B 82 -8.77 3.40 24.41
C LYS B 82 -10.14 3.93 23.99
N THR B 83 -10.30 4.28 22.72
CA THR B 83 -11.59 4.75 22.22
C THR B 83 -12.54 3.60 21.91
N CYS B 84 -12.16 2.36 22.23
CA CYS B 84 -13.07 1.22 22.18
C CYS B 84 -13.70 1.01 23.55
N ARG B 85 -15.01 0.75 23.56
CA ARG B 85 -15.75 0.46 24.79
C ARG B 85 -16.90 -0.47 24.38
N HIS B 86 -16.55 -1.72 24.12
CA HIS B 86 -17.50 -2.73 23.67
C HIS B 86 -17.13 -4.07 24.28
N ALA B 87 -18.16 -4.87 24.59
CA ALA B 87 -17.91 -6.12 25.29
C ALA B 87 -17.08 -7.08 24.44
N ASN B 88 -17.33 -7.11 23.14
CA ASN B 88 -16.65 -8.03 22.24
C ASN B 88 -15.27 -7.54 21.81
N ILE B 89 -14.73 -6.54 22.49
CA ILE B 89 -13.36 -6.06 22.26
C ILE B 89 -12.68 -5.96 23.61
N VAL B 90 -11.45 -6.50 23.70
CA VAL B 90 -10.80 -6.59 25.01
C VAL B 90 -10.80 -5.22 25.66
N ALA B 91 -11.26 -5.15 26.91
CA ALA B 91 -11.33 -3.88 27.61
C ALA B 91 -9.95 -3.29 27.81
N TYR B 92 -9.90 -1.97 27.91
CA TYR B 92 -8.67 -1.22 28.11
C TYR B 92 -8.68 -0.59 29.50
N HIS B 93 -7.55 -0.68 30.21
CA HIS B 93 -7.42 -0.19 31.58
C HIS B 93 -6.28 0.83 31.71
N GLY B 94 -6.00 1.57 30.64
CA GLY B 94 -4.95 2.58 30.67
C GLY B 94 -3.61 2.04 30.24
N SER B 95 -2.68 2.97 30.02
CA SER B 95 -1.32 2.63 29.62
C SER B 95 -0.33 3.33 30.53
N TYR B 96 0.88 2.78 30.58
CA TYR B 96 1.97 3.29 31.39
C TYR B 96 3.17 3.58 30.50
N LEU B 97 4.18 4.25 31.07
CA LEU B 97 5.30 4.78 30.29
C LEU B 97 6.66 4.56 30.92
N TRP B 98 6.75 4.04 32.14
CA TRP B 98 7.92 4.22 32.98
C TRP B 98 9.17 3.56 32.43
N LEU B 99 10.31 4.20 32.70
CA LEU B 99 11.64 3.58 32.55
C LEU B 99 11.93 3.19 31.10
N GLN B 100 11.53 4.05 30.16
CA GLN B 100 11.75 3.79 28.74
C GLN B 100 11.08 2.49 28.30
N LYS B 101 10.00 2.11 28.97
CA LYS B 101 9.24 0.90 28.63
C LYS B 101 7.76 1.27 28.68
N LEU B 102 7.06 1.06 27.57
CA LEU B 102 5.63 1.31 27.50
C LEU B 102 4.85 0.04 27.81
N TRP B 103 3.71 0.20 28.48
CA TRP B 103 2.88 -0.93 28.86
C TRP B 103 1.42 -0.61 28.56
N ILE B 104 0.72 -1.59 27.99
CA ILE B 104 -0.71 -1.49 27.71
C ILE B 104 -1.41 -2.51 28.60
N CYS B 105 -2.36 -2.02 29.39
CA CYS B 105 -3.11 -2.88 30.31
C CYS B 105 -4.51 -3.11 29.77
N MET B 106 -4.90 -4.38 29.64
CA MET B 106 -6.16 -4.73 29.02
C MET B 106 -6.75 -5.95 29.69
N GLU B 107 -7.98 -6.28 29.29
CA GLU B 107 -8.68 -7.44 29.83
C GLU B 107 -7.90 -8.72 29.57
N PHE B 108 -7.94 -9.63 30.55
CA PHE B 108 -7.31 -10.94 30.46
C PHE B 108 -8.37 -11.98 30.14
N CYS B 109 -8.02 -12.91 29.25
CA CYS B 109 -8.92 -13.96 28.77
C CYS B 109 -8.30 -15.31 29.09
N GLY B 110 -8.91 -16.05 30.01
CA GLY B 110 -8.25 -17.20 30.62
C GLY B 110 -7.88 -18.29 29.63
N ALA B 111 -8.72 -18.52 28.61
CA ALA B 111 -8.52 -19.63 27.69
C ALA B 111 -7.69 -19.26 26.47
N GLY B 112 -7.30 -18.01 26.34
CA GLY B 112 -6.49 -17.59 25.22
C GLY B 112 -7.29 -17.45 23.94
N SER B 113 -6.66 -17.80 22.83
CA SER B 113 -7.29 -17.62 21.53
C SER B 113 -7.94 -18.90 21.06
N LEU B 114 -8.85 -18.74 20.08
CA LEU B 114 -9.48 -19.92 19.50
C LEU B 114 -8.46 -20.82 18.83
N GLN B 115 -7.37 -20.26 18.30
CA GLN B 115 -6.34 -21.11 17.71
C GLN B 115 -5.66 -21.95 18.79
N ASP B 116 -5.35 -21.35 19.94
CA ASP B 116 -4.82 -22.12 21.06
C ASP B 116 -5.75 -23.27 21.42
N ILE B 117 -7.06 -23.05 21.31
CA ILE B 117 -8.03 -24.04 21.74
C ILE B 117 -8.19 -25.15 20.71
N TYR B 118 -8.43 -24.81 19.44
CA TYR B 118 -8.69 -25.86 18.47
C TYR B 118 -7.46 -26.69 18.18
N GLN B 119 -6.27 -26.17 18.44
CA GLN B 119 -5.08 -27.01 18.32
C GLN B 119 -5.11 -28.17 19.30
N VAL B 120 -5.96 -28.09 20.32
CA VAL B 120 -6.16 -29.17 21.28
C VAL B 120 -7.48 -29.88 21.03
N THR B 121 -8.57 -29.13 20.89
CA THR B 121 -9.90 -29.72 20.77
C THR B 121 -10.19 -30.28 19.39
N GLY B 122 -9.51 -29.82 18.36
CA GLY B 122 -9.95 -30.11 17.01
C GLY B 122 -11.05 -29.16 16.58
N SER B 123 -11.63 -29.46 15.42
CA SER B 123 -12.56 -28.54 14.77
C SER B 123 -13.78 -28.28 15.63
N LEU B 124 -14.21 -27.02 15.65
CA LEU B 124 -15.41 -26.65 16.38
C LEU B 124 -16.66 -27.21 15.71
N SER B 125 -17.75 -27.25 16.48
CA SER B 125 -19.03 -27.62 15.92
C SER B 125 -19.65 -26.42 15.20
N GLU B 126 -20.56 -26.71 14.28
CA GLU B 126 -21.19 -25.64 13.51
C GLU B 126 -21.88 -24.64 14.43
N LEU B 127 -22.57 -25.14 15.45
CA LEU B 127 -23.21 -24.23 16.39
C LEU B 127 -22.17 -23.39 17.12
N GLN B 128 -21.03 -23.99 17.47
CA GLN B 128 -19.99 -23.21 18.14
C GLN B 128 -19.43 -22.15 17.20
N ILE B 129 -19.19 -22.51 15.94
CA ILE B 129 -18.71 -21.52 14.97
C ILE B 129 -19.74 -20.41 14.78
N SER B 130 -21.03 -20.78 14.76
CA SER B 130 -22.09 -19.78 14.55
C SER B 130 -22.09 -18.75 15.67
N TYR B 131 -22.00 -19.21 16.92
CA TYR B 131 -21.89 -18.28 18.04
C TYR B 131 -20.67 -17.38 17.90
N VAL B 132 -19.52 -17.96 17.58
CA VAL B 132 -18.30 -17.18 17.48
C VAL B 132 -18.45 -16.09 16.43
N CYS B 133 -19.02 -16.43 15.28
CA CYS B 133 -19.17 -15.43 14.22
C CYS B 133 -20.11 -14.33 14.66
N ARG B 134 -21.24 -14.67 15.29
CA ARG B 134 -22.14 -13.62 15.78
C ARG B 134 -21.40 -12.67 16.71
N GLU B 135 -20.64 -13.20 17.67
CA GLU B 135 -19.94 -12.33 18.59
C GLU B 135 -18.88 -11.50 17.88
N VAL B 136 -18.21 -12.07 16.88
CA VAL B 136 -17.20 -11.31 16.14
C VAL B 136 -17.89 -10.24 15.29
N LEU B 137 -19.03 -10.60 14.68
CA LEU B 137 -19.75 -9.62 13.87
C LEU B 137 -20.23 -8.47 14.73
N GLN B 138 -20.62 -8.75 15.98
CA GLN B 138 -21.02 -7.68 16.88
C GLN B 138 -19.86 -6.73 17.12
N GLY B 139 -18.67 -7.29 17.39
CA GLY B 139 -17.51 -6.45 17.59
C GLY B 139 -17.09 -5.69 16.35
N LEU B 140 -17.21 -6.34 15.18
CA LEU B 140 -16.86 -5.66 13.93
C LEU B 140 -17.83 -4.52 13.63
N ALA B 141 -19.13 -4.75 13.82
CA ALA B 141 -20.09 -3.66 13.63
C ALA B 141 -19.74 -2.47 14.51
N TYR B 142 -19.27 -2.72 15.73
CA TYR B 142 -18.91 -1.61 16.61
C TYR B 142 -17.64 -0.93 16.11
N LEU B 143 -16.63 -1.72 15.74
CA LEU B 143 -15.40 -1.14 15.21
C LEU B 143 -15.68 -0.32 13.96
N HIS B 144 -16.47 -0.89 13.05
CA HIS B 144 -16.75 -0.19 11.79
C HIS B 144 -17.62 1.04 12.03
N SER B 145 -18.40 1.06 13.11
CA SER B 145 -19.18 2.25 13.45
C SER B 145 -18.29 3.38 13.95
N GLN B 146 -17.07 3.07 14.38
CA GLN B 146 -16.05 4.06 14.67
C GLN B 146 -15.14 4.32 13.47
N LYS B 147 -15.47 3.75 12.32
CA LYS B 147 -14.61 3.81 11.14
C LYS B 147 -13.23 3.22 11.40
N LYS B 148 -13.18 2.20 12.24
CA LYS B 148 -11.97 1.43 12.48
C LYS B 148 -12.02 0.15 11.66
N ILE B 149 -10.85 -0.30 11.21
CA ILE B 149 -10.71 -1.56 10.49
C ILE B 149 -9.75 -2.42 11.29
N HIS B 150 -10.17 -3.65 11.58
CA HIS B 150 -9.29 -4.55 12.33
C HIS B 150 -8.12 -5.01 11.47
N ARG B 151 -8.42 -5.58 10.30
CA ARG B 151 -7.44 -5.97 9.28
C ARG B 151 -6.62 -7.18 9.68
N ASP B 152 -6.88 -7.82 10.81
CA ASP B 152 -6.19 -9.05 11.19
C ASP B 152 -7.14 -9.99 11.89
N ILE B 153 -8.34 -10.14 11.35
CA ILE B 153 -9.30 -11.08 11.90
C ILE B 153 -8.84 -12.49 11.56
N LYS B 154 -8.67 -13.32 12.59
CA LYS B 154 -8.22 -14.70 12.43
C LYS B 154 -8.40 -15.40 13.77
N GLY B 155 -8.35 -16.73 13.73
CA GLY B 155 -8.51 -17.49 14.96
C GLY B 155 -7.62 -17.02 16.08
N ALA B 156 -6.37 -16.67 15.75
CA ALA B 156 -5.41 -16.32 16.78
C ALA B 156 -5.73 -15.01 17.48
N ASN B 157 -6.60 -14.17 16.90
CA ASN B 157 -6.93 -12.88 17.46
C ASN B 157 -8.35 -12.82 18.01
N ILE B 158 -9.00 -13.97 18.20
CA ILE B 158 -10.31 -14.05 18.83
C ILE B 158 -10.09 -14.73 20.17
N LEU B 159 -10.23 -13.97 21.26
CA LEU B 159 -9.90 -14.47 22.58
C LEU B 159 -11.15 -14.95 23.30
N ILE B 160 -10.96 -15.96 24.15
CA ILE B 160 -12.04 -16.63 24.87
C ILE B 160 -11.70 -16.55 26.35
N ASN B 161 -12.63 -16.09 27.17
CA ASN B 161 -12.41 -16.06 28.60
C ASN B 161 -13.07 -17.28 29.26
N ASP B 162 -12.86 -17.42 30.57
CA ASP B 162 -13.36 -18.59 31.27
C ASP B 162 -14.87 -18.72 31.16
N ALA B 163 -15.57 -17.60 31.05
CA ALA B 163 -17.03 -17.64 30.94
C ALA B 163 -17.51 -18.06 29.56
N GLY B 164 -16.60 -18.25 28.60
CA GLY B 164 -17.01 -18.58 27.25
C GLY B 164 -17.38 -17.39 26.40
N GLU B 165 -16.98 -16.18 26.79
CA GLU B 165 -17.29 -14.98 26.01
C GLU B 165 -16.16 -14.67 25.03
N VAL B 166 -16.53 -13.96 23.96
CA VAL B 166 -15.65 -13.73 22.81
C VAL B 166 -15.19 -12.28 22.81
N ARG B 167 -13.88 -12.08 22.65
CA ARG B 167 -13.31 -10.73 22.57
C ARG B 167 -12.28 -10.66 21.46
N LEU B 168 -12.26 -9.53 20.75
CA LEU B 168 -11.32 -9.28 19.66
C LEU B 168 -10.10 -8.52 20.18
N ALA B 169 -8.91 -8.93 19.71
CA ALA B 169 -7.66 -8.37 20.21
C ALA B 169 -6.64 -8.18 19.09
N ASP B 170 -5.53 -7.52 19.44
CA ASP B 170 -4.40 -7.26 18.56
C ASP B 170 -4.73 -6.26 17.47
N PHE B 171 -4.58 -4.96 17.77
CA PHE B 171 -4.76 -3.89 16.81
C PHE B 171 -3.43 -3.44 16.21
N GLY B 172 -2.39 -4.27 16.30
CA GLY B 172 -1.08 -3.86 15.82
C GLY B 172 -1.08 -3.52 14.33
N ILE B 173 -1.68 -4.39 13.52
CA ILE B 173 -1.70 -4.15 12.07
C ILE B 173 -2.62 -2.97 11.74
N SER B 174 -3.74 -2.84 12.45
CA SER B 174 -4.58 -1.66 12.26
C SER B 174 -3.82 -0.38 12.57
N ALA B 175 -3.00 -0.39 13.65
CA ALA B 175 -2.22 0.79 14.00
C ALA B 175 -1.15 1.08 12.97
N GLN B 176 -0.47 0.04 12.47
CA GLN B 176 0.57 0.23 11.47
C GLN B 176 0.03 0.92 10.23
N ILE B 177 -1.13 0.47 9.75
CA ILE B 177 -1.71 1.03 8.54
C ILE B 177 -2.11 2.48 8.78
N GLY B 178 -2.76 2.76 9.91
CA GLY B 178 -3.16 4.12 10.21
C GLY B 178 -1.97 5.04 10.41
N ALA B 179 -0.93 4.55 11.08
CA ALA B 179 0.25 5.36 11.31
C ALA B 179 0.91 5.76 10.00
N GLU B 180 1.13 4.78 9.12
CA GLU B 180 1.81 5.06 7.86
C GLU B 180 0.96 5.95 6.96
N LEU B 181 -0.36 5.76 6.96
CA LEU B 181 -1.22 6.60 6.14
C LEU B 181 -1.08 8.07 6.54
N ALA B 182 -1.25 8.37 7.83
CA ALA B 182 -1.13 9.76 8.28
C ALA B 182 0.25 10.32 7.98
N ARG B 183 1.27 9.46 7.94
CA ARG B 183 2.62 9.88 7.57
C ARG B 183 2.73 10.08 6.06
N ARG B 184 2.21 9.13 5.27
CA ARG B 184 2.16 9.31 3.82
C ARG B 184 1.27 10.48 3.44
N LEU B 185 0.34 10.86 4.33
CA LEU B 185 -0.59 11.96 4.05
C LEU B 185 0.08 13.32 4.19
N GLU B 186 1.02 13.46 5.12
CA GLU B 186 1.74 14.71 5.30
C GLU B 186 3.13 14.70 4.69
N PHE B 187 3.55 13.58 4.09
CA PHE B 187 4.73 13.51 3.24
C PHE B 187 4.30 13.41 1.77
N ILE B 188 3.21 14.08 1.41
CA ILE B 188 2.59 13.88 0.11
C ILE B 188 3.29 14.71 -0.96
N GLY B 189 3.67 15.95 -0.64
CA GLY B 189 4.40 16.78 -1.57
C GLY B 189 3.54 17.36 -2.68
N THR B 190 3.82 16.95 -3.92
CA THR B 190 3.13 17.45 -5.11
C THR B 190 2.33 16.33 -5.74
N PRO B 191 1.04 16.19 -5.39
CA PRO B 191 0.21 15.18 -6.05
C PRO B 191 -0.63 15.77 -7.17
N TYR B 192 -0.14 16.85 -7.77
CA TYR B 192 -0.92 17.54 -8.79
C TYR B 192 -1.02 16.76 -10.10
N TRP B 193 -0.11 15.82 -10.35
CA TRP B 193 -0.18 14.96 -11.52
C TRP B 193 -0.91 13.65 -11.25
N MET B 194 -1.42 13.48 -10.04
CA MET B 194 -2.00 12.21 -9.61
C MET B 194 -3.39 12.02 -10.19
N ALA B 195 -3.65 10.83 -10.69
CA ALA B 195 -4.96 10.48 -11.23
C ALA B 195 -5.98 10.36 -10.10
N PRO B 196 -7.28 10.48 -10.42
CA PRO B 196 -8.28 10.43 -9.33
C PRO B 196 -8.31 9.12 -8.58
N GLU B 197 -8.21 7.98 -9.28
CA GLU B 197 -8.26 6.70 -8.59
C GLU B 197 -7.06 6.52 -7.68
N VAL B 198 -5.93 7.15 -8.02
CA VAL B 198 -4.74 7.06 -7.16
C VAL B 198 -4.91 7.92 -5.91
N ALA B 199 -5.47 9.13 -6.07
CA ALA B 199 -5.69 10.00 -4.93
C ALA B 199 -6.68 9.39 -3.94
N ALA B 200 -7.67 8.66 -4.44
CA ALA B 200 -8.61 7.99 -3.54
C ALA B 200 -7.88 6.94 -2.70
N VAL B 201 -6.93 6.23 -3.30
CA VAL B 201 -6.13 5.28 -2.54
C VAL B 201 -5.18 6.00 -1.60
N ALA B 202 -4.78 7.22 -1.95
CA ALA B 202 -3.87 7.97 -1.10
C ALA B 202 -4.58 8.46 0.17
N LEU B 203 -5.82 8.94 0.03
CA LEU B 203 -6.54 9.51 1.15
C LEU B 203 -7.28 8.46 1.97
N LYS B 204 -7.91 7.48 1.31
CA LYS B 204 -8.79 6.54 1.99
C LYS B 204 -8.16 5.17 2.19
N GLY B 205 -7.40 4.65 1.22
CA GLY B 205 -6.59 3.48 1.48
C GLY B 205 -6.56 2.39 0.43
N GLY B 206 -7.53 2.37 -0.48
CA GLY B 206 -7.59 1.34 -1.50
C GLY B 206 -8.51 0.18 -1.17
N TYR B 207 -8.97 0.07 0.07
CA TYR B 207 -9.96 -0.90 0.48
C TYR B 207 -10.68 -0.37 1.70
N ASN B 208 -11.75 -1.05 2.12
CA ASN B 208 -12.54 -0.55 3.23
C ASN B 208 -12.82 -1.64 4.26
N GLU B 209 -13.67 -1.32 5.23
CA GLU B 209 -13.90 -2.20 6.37
C GLU B 209 -14.46 -3.57 5.99
N LEU B 210 -14.92 -3.73 4.76
CA LEU B 210 -15.49 -5.02 4.38
C LEU B 210 -14.43 -6.11 4.29
N CYS B 211 -13.14 -5.75 4.27
CA CYS B 211 -12.12 -6.79 4.32
C CYS B 211 -12.26 -7.63 5.58
N ASP B 212 -12.78 -7.05 6.67
CA ASP B 212 -12.97 -7.80 7.91
C ASP B 212 -14.04 -8.87 7.76
N ILE B 213 -15.04 -8.62 6.92
CA ILE B 213 -16.06 -9.63 6.64
C ILE B 213 -15.42 -10.83 5.96
N TRP B 214 -14.65 -10.59 4.90
CA TRP B 214 -13.94 -11.68 4.25
C TRP B 214 -13.10 -12.47 5.24
N SER B 215 -12.29 -11.77 6.03
CA SER B 215 -11.42 -12.46 7.00
C SER B 215 -12.24 -13.30 7.97
N LEU B 216 -13.44 -12.83 8.33
CA LEU B 216 -14.26 -13.63 9.22
C LEU B 216 -14.68 -14.93 8.52
N GLY B 217 -15.08 -14.84 7.26
CA GLY B 217 -15.41 -16.03 6.50
C GLY B 217 -14.26 -17.02 6.45
N ILE B 218 -13.03 -16.52 6.22
CA ILE B 218 -11.87 -17.40 6.27
C ILE B 218 -11.72 -18.00 7.65
N THR B 219 -11.92 -17.20 8.69
CA THR B 219 -11.82 -17.70 10.06
C THR B 219 -12.84 -18.80 10.32
N ALA B 220 -14.06 -18.66 9.78
CA ALA B 220 -15.05 -19.72 9.92
C ALA B 220 -14.55 -21.02 9.32
N ILE B 221 -13.96 -20.96 8.13
CA ILE B 221 -13.35 -22.16 7.56
C ILE B 221 -12.23 -22.66 8.46
N GLU B 222 -11.41 -21.72 8.98
CA GLU B 222 -10.30 -22.10 9.86
C GLU B 222 -10.79 -22.87 11.09
N LEU B 223 -11.88 -22.41 11.71
CA LEU B 223 -12.40 -23.10 12.89
C LEU B 223 -13.04 -24.43 12.54
N ALA B 224 -13.42 -24.62 11.28
CA ALA B 224 -13.97 -25.89 10.83
C ALA B 224 -12.90 -26.88 10.41
N GLU B 225 -11.77 -26.40 9.91
CA GLU B 225 -10.78 -27.25 9.25
C GLU B 225 -9.39 -27.15 9.87
N LEU B 226 -9.21 -26.29 10.88
CA LEU B 226 -7.95 -26.15 11.61
C LEU B 226 -6.90 -25.43 10.79
N GLN B 227 -7.24 -24.84 9.67
CA GLN B 227 -6.33 -23.95 8.96
C GLN B 227 -7.11 -23.21 7.89
N PRO B 228 -6.64 -22.04 7.49
CA PRO B 228 -7.33 -21.33 6.40
C PRO B 228 -7.08 -22.02 5.08
N PRO B 229 -7.92 -21.78 4.08
CA PRO B 229 -7.63 -22.32 2.74
C PRO B 229 -6.25 -21.85 2.27
N LEU B 230 -5.56 -22.72 1.55
CA LEU B 230 -4.26 -22.44 0.95
C LEU B 230 -3.16 -22.26 1.98
N PHE B 231 -3.36 -22.78 3.20
CA PHE B 231 -2.33 -22.66 4.22
C PHE B 231 -1.05 -23.38 3.84
N ASP B 232 -1.16 -24.44 3.04
CA ASP B 232 0.00 -25.21 2.60
C ASP B 232 0.68 -24.58 1.39
N VAL B 233 0.22 -23.43 0.90
CA VAL B 233 0.80 -22.77 -0.27
C VAL B 233 1.71 -21.64 0.20
N HIS B 234 2.84 -21.50 -0.47
CA HIS B 234 3.78 -20.41 -0.16
C HIS B 234 3.03 -19.08 -0.15
N PRO B 235 3.21 -18.25 0.88
CA PRO B 235 2.35 -17.07 1.01
C PRO B 235 2.41 -16.14 -0.19
N LEU B 236 3.61 -15.98 -0.79
CA LEU B 236 3.74 -15.13 -1.97
C LEU B 236 2.90 -15.65 -3.12
N ARG B 237 2.92 -16.97 -3.33
CA ARG B 237 2.07 -17.56 -4.35
C ARG B 237 0.60 -17.30 -4.07
N VAL B 238 0.23 -17.15 -2.78
CA VAL B 238 -1.16 -16.88 -2.44
C VAL B 238 -1.56 -15.48 -2.85
N LEU B 239 -0.70 -14.49 -2.55
CA LEU B 239 -0.99 -13.12 -2.97
C LEU B 239 -1.24 -13.05 -4.47
N PHE B 240 -0.45 -13.77 -5.26
CA PHE B 240 -0.63 -13.75 -6.71
C PHE B 240 -1.90 -14.49 -7.12
N LEU B 241 -2.23 -15.59 -6.43
CA LEU B 241 -3.43 -16.34 -6.78
C LEU B 241 -4.67 -15.48 -6.59
N MET B 242 -4.72 -14.72 -5.50
CA MET B 242 -5.90 -13.94 -5.18
C MET B 242 -6.05 -12.71 -6.07
N THR B 243 -4.96 -12.27 -6.71
CA THR B 243 -5.01 -11.13 -7.61
C THR B 243 -5.26 -11.54 -9.07
N LYS B 244 -5.27 -12.82 -9.39
CA LYS B 244 -5.55 -13.24 -10.76
C LYS B 244 -7.01 -12.95 -11.10
N SER B 245 -7.27 -12.79 -12.41
CA SER B 245 -8.60 -12.39 -12.85
C SER B 245 -9.64 -13.45 -12.51
N GLY B 246 -9.30 -14.73 -12.69
CA GLY B 246 -10.26 -15.80 -12.50
C GLY B 246 -10.31 -16.37 -11.10
N TYR B 247 -9.77 -15.66 -10.12
CA TYR B 247 -9.71 -16.19 -8.77
C TYR B 247 -11.12 -16.43 -8.23
N GLN B 248 -11.30 -17.58 -7.58
CA GLN B 248 -12.58 -17.95 -7.01
C GLN B 248 -12.48 -18.04 -5.50
N PRO B 249 -13.46 -17.52 -4.76
CA PRO B 249 -13.40 -17.60 -3.30
C PRO B 249 -13.27 -19.05 -2.84
N PRO B 250 -12.62 -19.28 -1.71
CA PRO B 250 -12.49 -20.65 -1.19
C PRO B 250 -13.80 -21.15 -0.61
N ARG B 251 -13.84 -22.45 -0.38
CA ARG B 251 -15.03 -23.14 0.08
C ARG B 251 -14.65 -24.13 1.16
N LEU B 252 -15.63 -24.54 1.95
CA LEU B 252 -15.42 -25.63 2.89
C LEU B 252 -15.09 -26.90 2.11
N LYS B 253 -14.21 -27.73 2.68
CA LYS B 253 -13.70 -28.89 1.99
C LYS B 253 -14.65 -30.08 2.10
N GLU B 254 -15.01 -30.44 3.33
CA GLU B 254 -15.93 -31.54 3.61
C GLU B 254 -17.36 -30.99 3.56
N LYS B 255 -17.96 -31.01 2.37
CA LYS B 255 -19.24 -30.33 2.21
C LYS B 255 -20.36 -31.04 2.98
N GLY B 256 -20.35 -32.37 2.97
CA GLY B 256 -21.40 -33.12 3.66
C GLY B 256 -21.47 -32.86 5.15
N LYS B 257 -20.38 -32.40 5.75
CA LYS B 257 -20.35 -32.19 7.19
C LYS B 257 -21.19 -30.99 7.66
N TRP B 258 -21.53 -30.07 6.76
CA TRP B 258 -22.09 -28.79 7.15
C TRP B 258 -23.40 -28.52 6.43
N SER B 259 -24.25 -27.73 7.09
CA SER B 259 -25.56 -27.39 6.56
C SER B 259 -25.43 -26.36 5.43
N ALA B 260 -26.51 -26.23 4.65
CA ALA B 260 -26.52 -25.25 3.58
C ALA B 260 -26.40 -23.83 4.12
N ALA B 261 -26.99 -23.56 5.29
CA ALA B 261 -26.90 -22.23 5.87
C ALA B 261 -25.47 -21.85 6.23
N PHE B 262 -24.65 -22.82 6.62
CA PHE B 262 -23.24 -22.52 6.89
C PHE B 262 -22.50 -22.26 5.58
N HIS B 263 -22.70 -23.13 4.58
CA HIS B 263 -22.10 -22.89 3.27
C HIS B 263 -22.47 -21.51 2.74
N ASN B 264 -23.75 -21.15 2.82
CA ASN B 264 -24.16 -19.84 2.34
C ASN B 264 -23.48 -18.72 3.13
N PHE B 265 -23.34 -18.89 4.44
CA PHE B 265 -22.63 -17.89 5.23
C PHE B 265 -21.20 -17.69 4.73
N ILE B 266 -20.53 -18.78 4.38
CA ILE B 266 -19.19 -18.67 3.80
C ILE B 266 -19.26 -17.97 2.44
N LYS B 267 -20.21 -18.38 1.61
CA LYS B 267 -20.29 -17.81 0.26
C LYS B 267 -20.49 -16.30 0.30
N VAL B 268 -21.41 -15.83 1.15
CA VAL B 268 -21.74 -14.41 1.19
C VAL B 268 -20.63 -13.61 1.85
N THR B 269 -20.08 -14.12 2.96
CA THR B 269 -18.97 -13.41 3.60
C THR B 269 -17.78 -13.35 2.67
N LEU B 270 -17.58 -14.39 1.86
CA LEU B 270 -16.47 -14.45 0.92
C LEU B 270 -16.88 -14.00 -0.47
N THR B 271 -17.77 -13.01 -0.55
CA THR B 271 -18.08 -12.40 -1.84
C THR B 271 -16.83 -11.69 -2.36
N LYS B 272 -16.44 -12.02 -3.59
CA LYS B 272 -15.17 -11.52 -4.11
C LYS B 272 -15.20 -10.01 -4.31
N SER B 273 -16.33 -9.48 -4.76
CA SER B 273 -16.44 -8.04 -4.99
C SER B 273 -16.79 -7.33 -3.69
N PRO B 274 -15.93 -6.42 -3.20
CA PRO B 274 -16.29 -5.68 -1.98
C PRO B 274 -17.46 -4.72 -2.16
N LYS B 275 -17.84 -4.40 -3.40
CA LYS B 275 -19.05 -3.63 -3.65
C LYS B 275 -20.31 -4.44 -3.41
N LYS B 276 -20.18 -5.75 -3.21
CA LYS B 276 -21.33 -6.61 -2.98
C LYS B 276 -21.21 -7.45 -1.72
N ARG B 277 -20.14 -7.30 -0.94
CA ARG B 277 -19.97 -8.05 0.29
C ARG B 277 -20.79 -7.40 1.39
N PRO B 278 -21.70 -8.12 2.05
CA PRO B 278 -22.54 -7.47 3.07
C PRO B 278 -21.71 -6.94 4.22
N SER B 279 -22.22 -5.88 4.84
CA SER B 279 -21.58 -5.28 6.00
C SER B 279 -21.78 -6.16 7.24
N ALA B 280 -21.15 -5.75 8.33
CA ALA B 280 -21.30 -6.50 9.58
C ALA B 280 -22.74 -6.50 10.05
N THR B 281 -23.40 -5.34 10.00
CA THR B 281 -24.78 -5.26 10.46
C THR B 281 -25.68 -6.17 9.64
N LYS B 282 -25.53 -6.14 8.32
CA LYS B 282 -26.33 -7.01 7.46
C LYS B 282 -26.08 -8.48 7.80
N MET B 283 -24.82 -8.87 7.94
CA MET B 283 -24.49 -10.27 8.22
C MET B 283 -25.14 -10.74 9.51
N LEU B 284 -25.23 -9.87 10.51
CA LEU B 284 -25.82 -10.24 11.78
C LEU B 284 -27.28 -10.65 11.67
N SER B 285 -27.87 -10.52 10.47
CA SER B 285 -29.22 -11.00 10.18
C SER B 285 -29.22 -12.31 9.41
N HIS B 286 -28.07 -12.79 8.97
CA HIS B 286 -28.00 -14.06 8.27
C HIS B 286 -28.57 -15.19 9.14
N GLN B 287 -29.01 -16.25 8.48
CA GLN B 287 -29.66 -17.35 9.18
C GLN B 287 -28.72 -18.03 10.16
N LEU B 288 -27.44 -18.13 9.80
CA LEU B 288 -26.52 -18.90 10.63
C LEU B 288 -26.28 -18.24 11.98
N VAL B 289 -26.22 -16.90 12.00
CA VAL B 289 -25.90 -16.19 13.24
C VAL B 289 -27.14 -15.61 13.90
N SER B 290 -28.32 -15.77 13.30
CA SER B 290 -29.55 -15.30 13.91
C SER B 290 -30.41 -16.44 14.42
N GLN B 291 -30.00 -17.69 14.22
CA GLN B 291 -30.76 -18.82 14.72
C GLN B 291 -30.76 -18.79 16.25
N PRO B 292 -31.76 -19.38 16.88
CA PRO B 292 -31.82 -19.39 18.35
C PRO B 292 -30.89 -20.43 18.93
N GLY B 293 -30.60 -20.24 20.22
CA GLY B 293 -29.75 -21.16 20.96
C GLY B 293 -28.28 -20.83 20.95
N LEU B 294 -27.89 -19.67 20.44
CA LEU B 294 -26.48 -19.29 20.36
C LEU B 294 -26.12 -18.50 21.61
N ASN B 295 -25.34 -19.10 22.49
CA ASN B 295 -24.88 -18.42 23.70
C ASN B 295 -23.56 -19.03 24.12
N ARG B 296 -22.94 -18.41 25.14
CA ARG B 296 -21.64 -18.86 25.62
C ARG B 296 -21.66 -20.29 26.13
N GLY B 297 -22.84 -20.87 26.36
CA GLY B 297 -22.90 -22.27 26.74
C GLY B 297 -22.23 -23.17 25.73
N LEU B 298 -22.30 -22.81 24.44
CA LEU B 298 -21.64 -23.61 23.42
C LEU B 298 -20.13 -23.61 23.62
N ILE B 299 -19.56 -22.50 24.09
CA ILE B 299 -18.12 -22.42 24.26
C ILE B 299 -17.68 -22.98 25.60
N LEU B 300 -18.52 -22.88 26.64
CA LEU B 300 -18.24 -23.63 27.85
C LEU B 300 -18.08 -25.11 27.55
N ASP B 301 -18.90 -25.64 26.62
CA ASP B 301 -18.74 -27.03 26.20
C ASP B 301 -17.37 -27.24 25.57
N LEU B 302 -16.98 -26.36 24.63
CA LEU B 302 -15.67 -26.45 24.00
C LEU B 302 -14.55 -26.42 25.04
N LEU B 303 -14.69 -25.58 26.06
CA LEU B 303 -13.63 -25.46 27.06
C LEU B 303 -13.55 -26.69 27.95
N ASP B 304 -14.69 -27.32 28.21
CA ASP B 304 -14.69 -28.57 28.97
C ASP B 304 -14.00 -29.68 28.19
N LYS B 305 -14.25 -29.73 26.88
CA LYS B 305 -13.51 -30.67 26.04
C LYS B 305 -12.01 -30.41 26.15
N LEU B 306 -11.63 -29.14 26.18
CA LEU B 306 -10.21 -28.78 26.31
C LEU B 306 -9.62 -29.30 27.62
N LYS B 307 -10.37 -29.19 28.71
CA LYS B 307 -9.84 -29.61 30.01
C LYS B 307 -9.85 -31.13 30.15
N ASN B 308 -10.99 -31.76 29.87
CA ASN B 308 -11.19 -33.18 30.16
C ASN B 308 -10.92 -34.10 28.98
N GLY B 309 -10.82 -33.57 27.76
CA GLY B 309 -10.63 -34.38 26.57
C GLY B 309 -9.58 -35.46 26.69
C1 EDO C . 17.69 2.07 -15.91
O1 EDO C . 17.53 2.02 -17.35
C2 EDO C . 17.15 3.39 -15.39
O2 EDO C . 16.03 3.80 -16.18
H11 EDO C . 18.74 1.96 -15.66
H12 EDO C . 17.14 1.24 -15.45
HO1 EDO C . 17.76 1.13 -17.66
H21 EDO C . 17.94 4.16 -15.45
H22 EDO C . 16.86 3.30 -14.35
HO2 EDO C . 15.88 4.74 -16.09
C1 EDO D . 18.80 3.52 -24.73
O1 EDO D . 19.74 3.77 -25.79
C2 EDO D . 18.22 2.12 -24.90
O2 EDO D . 17.32 1.86 -23.81
H11 EDO D . 18.00 4.26 -24.76
H12 EDO D . 19.30 3.61 -23.77
HO1 EDO D . 20.14 4.65 -25.67
H21 EDO D . 19.02 1.38 -24.91
H22 EDO D . 17.69 2.05 -25.85
HO2 EDO D . 16.94 0.97 -23.92
C1 EDO E . 20.81 -1.31 -21.85
O1 EDO E . 20.40 0.07 -21.92
C2 EDO E . 21.63 -1.66 -23.09
O2 EDO E . 22.09 -3.02 -22.99
H11 EDO E . 19.95 -1.96 -21.78
H12 EDO E . 21.42 -1.46 -20.95
HO1 EDO E . 19.89 0.29 -21.14
H21 EDO E . 21.01 -1.55 -23.98
H22 EDO E . 22.48 -0.99 -23.18
HO2 EDO E . 22.74 -3.19 -23.67
C1 EDO F . 29.35 5.17 -19.86
O1 EDO F . 29.26 6.29 -20.75
C2 EDO F . 30.78 5.02 -19.34
O2 EDO F . 30.78 4.52 -17.99
H11 EDO F . 29.05 4.26 -20.38
H12 EDO F . 28.66 5.31 -19.01
HO1 EDO F . 28.35 6.37 -21.07
H21 EDO F . 31.28 5.99 -19.37
H22 EDO F . 31.33 4.35 -19.99
HO2 EDO F . 31.70 4.44 -17.68
C4 A1APO G . 14.65 9.63 -10.17
C6 A1APO G . 16.83 9.79 -10.94
C7 A1APO G . 16.41 10.42 -12.11
C8 A1APO G . 17.37 10.78 -13.06
C10 A1APO G . 18.75 12.46 -14.21
C15 A1APO G . 19.32 11.46 -14.97
C17 A1APO G . 17.96 9.77 -13.84
C20 A1APO G . 20.48 16.60 -14.91
C22 A1APO G . 21.17 17.88 -15.43
C24 A1APO G . 21.58 18.83 -14.30
C1 A1APO G . 14.51 11.30 -13.59
C11 A1APO G . 19.18 13.83 -14.42
C12 A1APO G . 20.15 14.06 -15.42
C14 A1APO G . 20.32 11.79 -15.96
C16 A1APO G . 18.92 10.10 -14.79
C2 A1APO G . 15.04 10.63 -12.31
C23 A1APO G . 20.45 19.21 -15.26
C25 A1APO G . 22.94 19.49 -14.47
C3 A1APO G . 14.14 10.23 -11.32
C9 A1APO G . 17.76 12.12 -13.23
N13 A1APO G . 20.68 13.06 -16.12
N18 A1APO G . 19.54 9.05 -15.61
N19 A1APO G . 20.68 15.39 -15.73
N26 A1APO G . 23.98 19.96 -14.61
N5 A1APO G . 15.96 9.42 -10.00
O21 A1APO G . 19.84 16.61 -13.91
H41 A1APO G . 13.96 9.32 -9.38
H61 A1APO G . 17.89 9.60 -10.77
H171 A1APO G . 17.66 8.73 -13.71
H221 A1APO G . 21.78 17.85 -16.33
H241 A1APO G . 21.22 18.59 -13.29
H11 A1APO G . 13.43 11.15 -13.67
H13 A1APO G . 14.73 12.37 -13.56
H12 A1APO G . 15.00 10.86 -14.47
H111 A1APO G . 18.77 14.65 -13.84
H141 A1APO G . 20.76 11.00 -16.56
H231 A1APO G . 19.44 19.16 -14.86
H232 A1APO G . 20.70 19.98 -16.00
H31 A1APO G . 13.08 10.39 -11.44
H91 A1APO G . 17.31 12.90 -12.62
H182 A1APO G . 19.83 9.25 -16.55
H181 A1APO G . 19.67 8.13 -15.23
H191 A1APO G . 21.23 15.48 -16.57
C1 EDO H . -3.28 -3.95 21.88
O1 EDO H . -2.04 -4.66 22.05
C2 EDO H . -4.34 -4.89 21.31
O2 EDO H . -4.54 -6.01 22.18
H11 EDO H . -3.13 -3.10 21.20
H12 EDO H . -3.61 -3.54 22.83
HO1 EDO H . -1.37 -4.05 22.42
H21 EDO H . -4.03 -5.23 20.32
H22 EDO H . -5.29 -4.34 21.20
HO2 EDO H . -5.34 -6.49 21.91
C1 EDO I . -2.90 -23.57 11.78
O1 EDO I . -3.22 -23.35 13.16
C2 EDO I . -3.11 -22.27 11.03
O2 EDO I . -4.39 -21.76 11.39
H11 EDO I . -1.86 -23.90 11.68
H12 EDO I . -3.54 -24.35 11.37
HO1 EDO I . -3.08 -24.17 13.66
H21 EDO I . -2.32 -21.55 11.29
H22 EDO I . -3.04 -22.44 9.95
HO2 EDO I . -4.56 -20.94 10.93
C1 EDO J . -18.47 -22.79 1.15
O1 EDO J . -18.97 -23.93 1.85
C2 EDO J . -19.57 -22.10 0.34
O2 EDO J . -19.83 -22.84 -0.87
H11 EDO J . -17.66 -23.09 0.48
H12 EDO J . -18.06 -22.07 1.87
HO1 EDO J . -18.28 -24.28 2.43
H21 EDO J . -19.26 -21.08 0.08
H22 EDO J . -20.48 -22.04 0.93
HO2 EDO J . -20.53 -22.39 -1.38
C1 EDO K . -2.99 -16.11 20.61
O1 EDO K . -2.16 -15.20 21.35
C2 EDO K . -2.16 -16.91 19.59
O2 EDO K . -2.88 -18.07 19.17
H11 EDO K . -3.76 -15.55 20.07
H12 EDO K . -3.47 -16.80 21.30
HO1 EDO K . -2.69 -14.75 22.02
H21 EDO K . -1.92 -16.28 18.73
H22 EDO K . -1.21 -17.22 20.05
HO2 EDO K . -2.35 -18.58 18.54
C1 EDO L . -8.80 -3.84 36.52
O1 EDO L . -9.93 -4.55 37.05
C2 EDO L . -7.58 -4.11 37.41
O2 EDO L . -6.48 -3.32 36.96
H11 EDO L . -9.02 -2.76 36.51
H12 EDO L . -8.60 -4.15 35.49
HO1 EDO L . -10.70 -4.38 36.50
H21 EDO L . -7.82 -3.87 38.44
H22 EDO L . -7.32 -5.17 37.35
HO2 EDO L . -5.72 -3.47 37.54
C4 A1APO M . -0.78 -9.23 20.18
C6 A1APO M . -1.55 -8.89 22.34
C7 A1APO M . -2.41 -9.99 22.27
C8 A1APO M . -3.22 -10.31 23.38
C10 A1APO M . -4.04 -11.90 25.07
C15 A1APO M . -4.83 -10.91 25.64
C17 A1APO M . -4.02 -9.30 23.96
C20 A1APO M . -4.04 -15.84 27.16
C22 A1APO M . -4.26 -17.14 27.96
C24 A1APO M . -3.00 -17.71 28.64
C1 A1APO M . -3.37 -11.94 20.86
C11 A1APO M . -4.07 -13.21 25.65
C12 A1APO M . -4.90 -13.44 26.75
C14 A1APO M . -5.65 -11.22 26.77
C16 A1APO M . -4.82 -9.58 25.08
C2 A1APO M . -2.44 -10.72 21.07
C23 A1APO M . -3.61 -18.42 27.43
C25 A1APO M . -3.23 -18.31 30.02
C3 A1APO M . -1.61 -10.33 20.01
C9 A1APO M . -3.21 -11.60 23.93
N13 A1APO M . -5.65 -12.46 27.29
N18 A1APO M . -5.66 -8.54 25.68
N19 A1APO M . -4.98 -14.74 27.40
N26 A1APO M . -3.40 -18.74 31.07
N5 A1APO M . -0.77 -8.55 21.32
O21 A1APO M . -3.15 -15.75 26.38
H41 A1APO M . -0.13 -8.92 19.36
H61 A1APO M . -1.52 -8.31 23.26
H171 A1APO M . -4.01 -8.30 23.55
H221 A1APO M . -5.20 -17.32 28.47
H241 A1APO M . -2.05 -17.20 28.42
H11 A1APO M . -3.47 -12.16 19.80
H13 A1APO M . -4.34 -11.74 21.30
H12 A1APO M . -2.93 -12.81 21.36
H111 A1APO M . -3.46 -14.01 25.24
H141 A1APO M . -6.27 -10.44 27.22
H231 A1APO M . -3.07 -18.32 26.49
H232 A1APO M . -4.15 -19.35 27.65
H31 A1APO M . -1.61 -10.90 19.07
H91 A1APO M . -2.59 -12.37 23.51
H182 A1APO M . -5.57 -8.29 26.65
H181 A1APO M . -6.32 -8.04 25.10
H191 A1APO M . -5.72 -14.90 28.07
#